data_1WUM
#
_entry.id   1WUM
#
loop_
_entity.id
_entity.type
_entity.pdbx_description
1 polymer 'Histone acetyltransferase PCAF'
2 non-polymer N-(3-AMINOPROPYL)-2-NITROBENZENAMINE
#
_entity_poly.entity_id   1
_entity_poly.type   'polypeptide(L)'
_entity_poly.pdbx_seq_one_letter_code
;GSHMSKEPRDPDQLYSTLKSILQQVKSHQSAWPFMEPVKRTEAPGYYEVIRFPMDLKTMSERLKNRYYVSKKLFMADLQR
VFTNCKEYNPPESEYYKCANILEKFFFSKIKEAGLIDK
;
_entity_poly.pdbx_strand_id   A
#
loop_
_chem_comp.id
_chem_comp.type
_chem_comp.name
_chem_comp.formula
NP2 non-polymer N-(3-AMINOPROPYL)-2-NITROBENZENAMINE 'C9 H13 N3 O2'
#
# COMPACT_ATOMS: atom_id res chain seq x y z
N GLY A 1 11.18 -24.20 -2.44
CA GLY A 1 12.16 -24.25 -1.32
C GLY A 1 11.52 -24.95 -0.12
N SER A 2 10.88 -24.19 0.74
CA SER A 2 10.24 -24.81 1.93
C SER A 2 8.72 -24.85 1.76
N HIS A 3 8.02 -25.44 2.69
CA HIS A 3 6.54 -25.50 2.58
C HIS A 3 5.88 -24.55 3.58
N MET A 4 6.20 -23.30 3.51
CA MET A 4 5.60 -22.32 4.46
C MET A 4 4.93 -21.17 3.70
N SER A 5 3.90 -20.59 4.27
CA SER A 5 3.20 -19.47 3.58
C SER A 5 2.71 -18.44 4.60
N LYS A 6 3.41 -18.29 5.68
CA LYS A 6 2.99 -17.30 6.71
C LYS A 6 4.09 -17.07 7.75
N GLU A 7 5.16 -16.42 7.35
CA GLU A 7 6.26 -16.16 8.32
C GLU A 7 7.27 -15.17 7.72
N PRO A 8 6.80 -13.96 7.47
CA PRO A 8 7.67 -12.90 6.92
C PRO A 8 8.56 -12.33 8.02
N ARG A 9 9.35 -13.16 8.66
CA ARG A 9 10.21 -12.67 9.77
C ARG A 9 11.52 -12.10 9.22
N ASP A 10 12.34 -12.91 8.63
CA ASP A 10 13.65 -12.42 8.10
C ASP A 10 13.43 -11.21 7.19
N PRO A 11 14.32 -10.24 7.29
CA PRO A 11 14.21 -9.03 6.45
C PRO A 11 14.55 -9.36 5.00
N ASP A 12 15.57 -10.13 4.77
CA ASP A 12 15.93 -10.51 3.37
C ASP A 12 14.71 -11.13 2.67
N GLN A 13 14.00 -11.98 3.36
CA GLN A 13 12.79 -12.59 2.74
C GLN A 13 11.67 -11.56 2.63
N LEU A 14 11.34 -10.91 3.73
CA LEU A 14 10.27 -9.88 3.69
C LEU A 14 10.66 -8.76 2.71
N TYR A 15 11.93 -8.54 2.53
CA TYR A 15 12.38 -7.47 1.59
C TYR A 15 11.71 -7.65 0.23
N SER A 16 12.10 -8.64 -0.51
CA SER A 16 11.48 -8.86 -1.84
C SER A 16 9.99 -9.19 -1.69
N THR A 17 9.60 -9.78 -0.59
CA THR A 17 8.15 -10.09 -0.38
C THR A 17 7.34 -8.81 -0.57
N LEU A 18 7.77 -7.75 0.06
CA LEU A 18 7.06 -6.44 -0.11
C LEU A 18 7.31 -5.92 -1.53
N LYS A 19 8.53 -6.04 -1.99
CA LYS A 19 8.84 -5.58 -3.38
C LYS A 19 7.84 -6.18 -4.37
N SER A 20 7.54 -7.43 -4.21
CA SER A 20 6.55 -8.07 -5.12
C SER A 20 5.18 -7.44 -4.93
N ILE A 21 4.77 -7.25 -3.70
CA ILE A 21 3.45 -6.61 -3.44
C ILE A 21 3.45 -5.20 -4.03
N LEU A 22 4.34 -4.38 -3.60
CA LEU A 22 4.41 -2.99 -4.15
C LEU A 22 4.56 -3.04 -5.66
N GLN A 23 5.39 -3.91 -6.16
CA GLN A 23 5.56 -4.02 -7.63
C GLN A 23 4.20 -4.24 -8.29
N GLN A 24 3.39 -5.09 -7.71
CA GLN A 24 2.04 -5.36 -8.29
C GLN A 24 1.12 -4.16 -8.02
N VAL A 25 1.11 -3.67 -6.81
CA VAL A 25 0.25 -2.50 -6.48
C VAL A 25 0.53 -1.36 -7.46
N LYS A 26 1.75 -1.26 -7.92
CA LYS A 26 2.09 -0.18 -8.88
C LYS A 26 1.63 -0.56 -10.29
N SER A 27 1.78 -1.80 -10.66
CA SER A 27 1.33 -2.24 -12.01
C SER A 27 -0.18 -2.53 -12.03
N HIS A 28 -0.79 -2.62 -10.87
CA HIS A 28 -2.25 -2.91 -10.82
C HIS A 28 -3.03 -1.82 -11.55
N GLN A 29 -4.07 -2.20 -12.26
CA GLN A 29 -4.89 -1.18 -12.98
C GLN A 29 -5.33 -0.09 -12.01
N SER A 30 -5.66 -0.46 -10.81
CA SER A 30 -6.10 0.56 -9.81
C SER A 30 -4.91 1.02 -8.96
N ALA A 31 -4.16 1.96 -9.45
CA ALA A 31 -2.99 2.44 -8.66
C ALA A 31 -2.45 3.74 -9.25
N TRP A 32 -3.31 4.55 -9.81
CA TRP A 32 -2.83 5.86 -10.38
C TRP A 32 -2.74 6.94 -9.30
N PRO A 33 -3.82 7.08 -8.55
CA PRO A 33 -3.90 8.15 -7.54
C PRO A 33 -2.82 7.99 -6.49
N PHE A 34 -2.20 6.83 -6.44
CA PHE A 34 -1.13 6.59 -5.43
C PHE A 34 0.23 6.75 -6.11
N MET A 35 0.30 6.49 -7.39
CA MET A 35 1.58 6.65 -8.12
C MET A 35 2.06 8.09 -8.00
N GLU A 36 1.20 9.04 -8.27
CA GLU A 36 1.57 10.47 -8.16
C GLU A 36 1.15 11.00 -6.78
N PRO A 37 2.03 11.70 -6.12
CA PRO A 37 1.70 12.27 -4.80
C PRO A 37 0.62 13.34 -4.96
N VAL A 38 -0.46 13.20 -4.24
CA VAL A 38 -1.56 14.21 -4.35
C VAL A 38 -1.19 15.46 -3.56
N LYS A 39 -1.15 16.59 -4.21
CA LYS A 39 -0.82 17.85 -3.49
C LYS A 39 -1.80 18.08 -2.35
N ARG A 40 -1.80 19.24 -1.78
CA ARG A 40 -2.74 19.53 -0.65
C ARG A 40 -3.87 20.44 -1.13
N THR A 41 -4.15 20.41 -2.40
CA THR A 41 -5.24 21.28 -2.94
C THR A 41 -6.09 20.52 -3.95
N GLU A 42 -5.47 19.96 -4.96
CA GLU A 42 -6.26 19.22 -6.00
C GLU A 42 -7.24 18.24 -5.34
N ALA A 43 -6.99 17.82 -4.14
CA ALA A 43 -7.92 16.88 -3.46
C ALA A 43 -8.93 17.65 -2.59
N PRO A 44 -10.12 17.12 -2.48
CA PRO A 44 -11.16 17.77 -1.65
C PRO A 44 -10.68 17.86 -0.20
N GLY A 45 -9.90 18.87 0.10
CA GLY A 45 -9.36 19.00 1.49
C GLY A 45 -8.49 17.78 1.79
N TYR A 46 -7.21 17.97 1.88
CA TYR A 46 -6.31 16.82 2.14
C TYR A 46 -5.51 17.02 3.43
N TYR A 47 -4.84 18.13 3.54
CA TYR A 47 -4.03 18.39 4.77
C TYR A 47 -4.91 18.28 6.03
N GLU A 48 -6.20 18.38 5.88
CA GLU A 48 -7.10 18.31 7.07
C GLU A 48 -7.53 16.86 7.34
N VAL A 49 -8.28 16.28 6.45
CA VAL A 49 -8.76 14.89 6.67
C VAL A 49 -7.59 13.90 6.73
N ILE A 50 -6.51 14.20 6.05
CA ILE A 50 -5.36 13.26 6.08
C ILE A 50 -4.33 13.69 7.12
N ARG A 51 -4.12 12.86 8.10
CA ARG A 51 -3.11 13.19 9.15
C ARG A 51 -1.78 12.50 8.84
N PHE A 52 -1.81 11.49 8.02
CA PHE A 52 -0.54 10.77 7.68
C PHE A 52 -0.46 10.56 6.16
N PRO A 53 -0.14 11.62 5.46
CA PRO A 53 -0.05 11.54 3.98
C PRO A 53 0.83 10.37 3.55
N MET A 54 0.42 9.66 2.53
CA MET A 54 1.23 8.50 2.06
C MET A 54 0.87 8.16 0.61
N ASP A 55 1.84 7.94 -0.23
CA ASP A 55 1.54 7.60 -1.65
C ASP A 55 2.56 6.59 -2.17
N LEU A 56 2.19 5.85 -3.18
CA LEU A 56 3.14 4.84 -3.75
C LEU A 56 4.44 5.52 -4.20
N LYS A 57 4.36 6.79 -4.52
CA LYS A 57 5.59 7.51 -4.95
C LYS A 57 6.67 7.46 -3.86
N THR A 58 6.28 7.38 -2.62
CA THR A 58 7.30 7.35 -1.53
C THR A 58 7.50 5.92 -1.04
N MET A 59 6.50 5.09 -1.17
CA MET A 59 6.62 3.68 -0.70
C MET A 59 7.78 2.98 -1.43
N SER A 60 7.66 2.79 -2.72
CA SER A 60 8.76 2.13 -3.47
C SER A 60 10.09 2.83 -3.20
N GLU A 61 10.05 4.12 -3.00
CA GLU A 61 11.31 4.86 -2.71
C GLU A 61 11.93 4.34 -1.41
N ARG A 62 11.11 3.97 -0.46
CA ARG A 62 11.64 3.43 0.82
C ARG A 62 11.95 1.94 0.66
N LEU A 63 11.08 1.21 0.01
CA LEU A 63 11.31 -0.24 -0.19
C LEU A 63 12.69 -0.47 -0.81
N LYS A 64 13.01 0.28 -1.83
CA LYS A 64 14.33 0.10 -2.50
C LYS A 64 15.48 0.10 -1.48
N ASN A 65 15.33 0.83 -0.41
CA ASN A 65 16.41 0.89 0.62
C ASN A 65 16.09 -0.05 1.78
N ARG A 66 15.25 -1.03 1.55
CA ARG A 66 14.92 -1.99 2.65
C ARG A 66 14.45 -1.23 3.89
N TYR A 67 13.49 -0.36 3.73
CA TYR A 67 13.00 0.41 4.91
C TYR A 67 11.87 -0.35 5.62
N TYR A 68 11.13 -1.16 4.89
CA TYR A 68 10.03 -1.92 5.52
C TYR A 68 10.45 -3.38 5.76
N VAL A 69 10.86 -3.70 6.95
CA VAL A 69 11.28 -5.10 7.24
C VAL A 69 10.70 -5.57 8.57
N SER A 70 9.39 -5.58 8.69
CA SER A 70 8.77 -6.03 9.97
C SER A 70 7.44 -6.73 9.69
N LYS A 71 6.37 -5.99 9.56
CA LYS A 71 5.04 -6.60 9.30
C LYS A 71 4.01 -5.48 9.17
N LYS A 72 3.66 -4.87 10.28
CA LYS A 72 2.71 -3.74 10.22
C LYS A 72 3.37 -2.54 9.53
N LEU A 73 4.68 -2.54 9.44
CA LEU A 73 5.38 -1.41 8.76
C LEU A 73 4.86 -1.26 7.33
N PHE A 74 5.11 -2.25 6.50
CA PHE A 74 4.62 -2.18 5.10
C PHE A 74 3.09 -2.27 5.06
N MET A 75 2.52 -3.13 5.86
CA MET A 75 1.03 -3.25 5.85
C MET A 75 0.38 -1.92 6.25
N ALA A 76 0.99 -1.20 7.15
CA ALA A 76 0.42 0.12 7.56
C ALA A 76 0.51 1.11 6.41
N ASP A 77 1.65 1.23 5.80
CA ASP A 77 1.81 2.18 4.67
C ASP A 77 0.75 1.91 3.60
N LEU A 78 0.75 0.72 3.04
CA LEU A 78 -0.25 0.38 1.99
C LEU A 78 -1.66 0.77 2.45
N GLN A 79 -2.07 0.32 3.61
CA GLN A 79 -3.42 0.71 4.12
C GLN A 79 -3.52 2.23 4.17
N ARG A 80 -2.49 2.88 4.62
CA ARG A 80 -2.52 4.37 4.69
C ARG A 80 -2.90 4.95 3.33
N VAL A 81 -2.37 4.40 2.27
CA VAL A 81 -2.69 4.92 0.91
C VAL A 81 -4.17 4.70 0.58
N PHE A 82 -4.65 3.50 0.73
CA PHE A 82 -6.08 3.23 0.40
C PHE A 82 -7.01 3.88 1.43
N THR A 83 -6.90 3.49 2.67
CA THR A 83 -7.80 4.04 3.71
C THR A 83 -7.83 5.58 3.66
N ASN A 84 -6.70 6.23 3.64
CA ASN A 84 -6.71 7.72 3.59
C ASN A 84 -7.31 8.20 2.26
N CYS A 85 -7.04 7.51 1.18
CA CYS A 85 -7.60 7.93 -0.13
C CYS A 85 -9.12 8.07 -0.02
N LYS A 86 -9.81 6.98 0.23
CA LYS A 86 -11.30 7.05 0.39
C LYS A 86 -11.67 8.18 1.35
N GLU A 87 -10.97 8.25 2.44
CA GLU A 87 -11.25 9.31 3.46
C GLU A 87 -11.40 10.69 2.81
N TYR A 88 -10.50 11.06 1.92
CA TYR A 88 -10.60 12.41 1.30
C TYR A 88 -11.57 12.40 0.12
N ASN A 89 -11.54 11.38 -0.68
CA ASN A 89 -12.46 11.32 -1.85
C ASN A 89 -13.80 10.65 -1.47
N PRO A 90 -14.85 11.42 -1.48
CA PRO A 90 -16.18 10.88 -1.12
C PRO A 90 -16.48 9.62 -1.96
N PRO A 91 -17.23 8.71 -1.39
CA PRO A 91 -17.58 7.46 -2.12
C PRO A 91 -18.49 7.76 -3.30
N GLU A 92 -17.98 8.46 -4.29
CA GLU A 92 -18.82 8.79 -5.47
C GLU A 92 -18.00 8.68 -6.76
N SER A 93 -16.78 9.13 -6.73
CA SER A 93 -15.93 9.07 -7.96
C SER A 93 -15.47 7.63 -8.22
N GLU A 94 -14.64 7.44 -9.21
CA GLU A 94 -14.13 6.07 -9.50
C GLU A 94 -12.92 5.76 -8.63
N TYR A 95 -12.27 6.77 -8.12
CA TYR A 95 -11.08 6.52 -7.24
C TYR A 95 -11.48 5.61 -6.09
N TYR A 96 -12.65 5.79 -5.54
CA TYR A 96 -13.09 4.91 -4.42
C TYR A 96 -12.96 3.45 -4.82
N LYS A 97 -13.49 3.09 -5.95
CA LYS A 97 -13.41 1.67 -6.38
C LYS A 97 -11.95 1.25 -6.57
N CYS A 98 -11.16 2.10 -7.17
CA CYS A 98 -9.72 1.76 -7.37
C CYS A 98 -9.08 1.33 -6.06
N ALA A 99 -9.19 2.12 -5.04
CA ALA A 99 -8.59 1.75 -3.73
C ALA A 99 -9.18 0.42 -3.23
N ASN A 100 -10.48 0.31 -3.23
CA ASN A 100 -11.12 -0.96 -2.76
C ASN A 100 -10.61 -2.14 -3.58
N ILE A 101 -10.50 -1.98 -4.86
CA ILE A 101 -10.00 -3.10 -5.72
C ILE A 101 -8.54 -3.40 -5.38
N LEU A 102 -7.66 -2.46 -5.56
CA LEU A 102 -6.22 -2.71 -5.25
C LEU A 102 -6.08 -3.10 -3.77
N GLU A 103 -6.97 -2.64 -2.94
CA GLU A 103 -6.89 -3.01 -1.50
C GLU A 103 -7.25 -4.49 -1.33
N LYS A 104 -8.17 -4.98 -2.12
CA LYS A 104 -8.54 -6.41 -2.04
C LYS A 104 -7.37 -7.27 -2.50
N PHE A 105 -6.83 -6.99 -3.66
CA PHE A 105 -5.67 -7.76 -4.16
C PHE A 105 -4.53 -7.70 -3.12
N PHE A 106 -4.27 -6.53 -2.59
CA PHE A 106 -3.20 -6.41 -1.56
C PHE A 106 -3.43 -7.42 -0.43
N PHE A 107 -4.58 -7.38 0.18
CA PHE A 107 -4.88 -8.34 1.29
C PHE A 107 -4.61 -9.78 0.82
N SER A 108 -5.05 -10.11 -0.36
CA SER A 108 -4.82 -11.49 -0.87
C SER A 108 -3.31 -11.73 -1.05
N LYS A 109 -2.61 -10.75 -1.56
CA LYS A 109 -1.14 -10.93 -1.76
C LYS A 109 -0.46 -11.24 -0.43
N ILE A 110 -0.59 -10.40 0.55
CA ILE A 110 0.06 -10.68 1.86
C ILE A 110 -0.38 -12.06 2.36
N LYS A 111 -1.60 -12.44 2.08
CA LYS A 111 -2.06 -13.79 2.50
C LYS A 111 -1.21 -14.86 1.83
N GLU A 112 -0.76 -14.60 0.63
CA GLU A 112 0.10 -15.59 -0.08
C GLU A 112 1.55 -15.49 0.42
N ALA A 113 2.00 -14.30 0.70
CA ALA A 113 3.41 -14.14 1.19
C ALA A 113 3.50 -14.45 2.68
N GLY A 114 2.49 -14.09 3.42
CA GLY A 114 2.52 -14.34 4.89
C GLY A 114 2.56 -13.01 5.65
N LEU A 115 2.31 -11.92 4.98
CA LEU A 115 2.33 -10.59 5.67
C LEU A 115 1.13 -10.50 6.63
N ILE A 116 0.14 -9.66 6.37
CA ILE A 116 -1.03 -9.55 7.27
C ILE A 116 -0.61 -9.13 8.69
N ASP A 117 -1.43 -8.39 9.38
CA ASP A 117 -1.06 -7.94 10.74
C ASP A 117 -2.26 -8.02 11.68
N LYS A 118 -3.26 -7.22 11.42
CA LYS A 118 -4.47 -7.24 12.27
C LYS A 118 -4.09 -7.07 13.75
NZ NP2 B . -3.14 12.89 -10.72
CA NP2 B . -2.66 13.48 -9.43
CB NP2 B . -2.90 12.38 -8.39
CG NP2 B . -4.36 11.90 -8.42
NE NP2 B . -5.21 13.13 -8.49
CD NP2 B . -5.98 13.45 -7.44
CE1 NP2 B . -5.61 14.53 -6.62
CE2 NP2 B . -7.15 12.70 -7.15
NO2 NP2 B . -7.52 11.68 -7.92
OC1 NP2 B . -6.75 11.31 -9.05
OC2 NP2 B . -8.70 10.95 -7.60
CR1 NP2 B . -6.39 14.88 -5.51
CR2 NP2 B . -7.95 13.06 -6.03
CZ NP2 B . -7.56 14.14 -5.21
HNZ1 NP2 B . -2.81 13.46 -11.51
HNZ2 NP2 B . -2.78 11.92 -10.81
HA1 NP2 B . -1.62 13.71 -9.50
HA2 NP2 B . -3.23 14.36 -9.19
HB1 NP2 B . -2.67 12.76 -7.41
HB2 NP2 B . -2.25 11.54 -8.60
HG1 NP2 B . -4.58 11.34 -7.53
HG2 NP2 B . -4.53 11.29 -9.30
HNE NP2 B . -5.06 13.79 -9.20
HE1 NP2 B . -4.71 15.09 -6.84
HR1 NP2 B . -6.11 15.71 -4.88
HR2 NP2 B . -8.84 12.49 -5.80
HZ NP2 B . -8.17 14.40 -4.36
#